data_6DUD
#
_entry.id   6DUD
#
_cell.length_a   47.600
_cell.length_b   75.520
_cell.length_c   88.950
_cell.angle_alpha   90.000
_cell.angle_beta   90.000
_cell.angle_gamma   90.000
#
_symmetry.space_group_name_H-M   'P 21 21 21'
#
loop_
_entity.id
_entity.type
_entity.pdbx_description
1 polymer 'Tyrosine-protein kinase JAK3'
2 non-polymer N-[(1S)-6-(7H-pyrrolo[2,3-d]pyrimidin-4-yl)-2,3-dihydro-1H-inden-1-yl]imidoformamide
3 non-polymer 'SULFATE ION'
4 water water
#
_entity_poly.entity_id   1
_entity_poly.type   'polypeptide(L)'
_entity_poly.pdbx_seq_one_letter_code
;MGHHHHHHQDPTIFEERHLKYISQLGKGNFGSVELCRYDPLGDNTGALVAVKQLQHSGPDQQRDFQREIQILKALHSDFI
VKYRGVSYGPGRQSLRLVMEYLPSGCLRDFLQRHRARLDASRLLLYSSQICKGMEYLGSRRCVHRDLAARNILVESEAHV
KIADFGLAKLLPLDKDYYVVREPGQSPIFWYAPESLSDNIFSRQSDVWSFGVVLYELFTYCDKSCSPSAEFLRMMGCERD
VPALSRLLELLEEGQRLPAPPACPAEVHELMKLCWAPSPQDRPSFSALGPQLDMLWSGSRGCETHAFTAHPEGKHHSLSF
S
;
_entity_poly.pdbx_strand_id   A
#
loop_
_chem_comp.id
_chem_comp.type
_chem_comp.name
_chem_comp.formula
HB4 non-polymer N-[(1S)-6-(7H-pyrrolo[2,3-d]pyrimidin-4-yl)-2,3-dihydro-1H-inden-1-yl]imidoformamide 'C16 H15 N5'
SO4 non-polymer 'SULFATE ION' 'O4 S -2'
#
# COMPACT_ATOMS: atom_id res chain seq x y z
N PRO A 11 17.61 4.33 -21.64
CA PRO A 11 16.32 3.61 -21.60
C PRO A 11 15.42 4.03 -20.43
N THR A 12 16.03 4.60 -19.37
CA THR A 12 15.33 5.09 -18.18
C THR A 12 15.15 6.62 -18.25
N ILE A 13 15.35 7.21 -19.47
CA ILE A 13 15.19 8.63 -19.73
C ILE A 13 14.11 8.79 -20.80
N PHE A 14 12.97 9.39 -20.41
CA PHE A 14 11.80 9.60 -21.26
C PHE A 14 11.71 11.08 -21.60
N GLU A 15 11.61 11.41 -22.89
CA GLU A 15 11.46 12.78 -23.32
C GLU A 15 10.01 13.22 -23.14
N GLU A 16 9.79 14.39 -22.50
CA GLU A 16 8.46 14.99 -22.26
C GLU A 16 7.62 15.06 -23.51
N ARG A 17 8.24 15.49 -24.63
CA ARG A 17 7.51 15.65 -25.88
C ARG A 17 6.87 14.36 -26.38
N HIS A 18 7.40 13.20 -25.95
CA HIS A 18 6.90 11.89 -26.38
C HIS A 18 5.84 11.31 -25.46
N LEU A 19 5.58 11.96 -24.31
CA LEU A 19 4.59 11.45 -23.36
C LEU A 19 3.23 12.07 -23.67
N LYS A 20 2.29 11.22 -24.11
CA LYS A 20 0.95 11.67 -24.48
C LYS A 20 -0.05 11.43 -23.41
N TYR A 21 -0.70 12.50 -22.97
CA TYR A 21 -1.68 12.42 -21.91
C TYR A 21 -2.91 11.64 -22.36
N ILE A 22 -3.34 10.68 -21.52
CA ILE A 22 -4.56 9.90 -21.80
C ILE A 22 -5.65 10.19 -20.78
N SER A 23 -5.40 9.91 -19.50
CA SER A 23 -6.39 10.09 -18.43
C SER A 23 -5.70 10.19 -17.07
N GLN A 24 -6.49 10.52 -16.03
CA GLN A 24 -6.02 10.65 -14.67
C GLN A 24 -6.16 9.29 -13.98
N LEU A 25 -5.14 8.85 -13.25
CA LEU A 25 -5.25 7.59 -12.48
C LEU A 25 -5.45 7.87 -10.98
N GLY A 26 -4.80 8.91 -10.48
CA GLY A 26 -4.89 9.25 -9.06
C GLY A 26 -4.42 10.64 -8.75
N LYS A 27 -4.78 11.12 -7.55
CA LYS A 27 -4.39 12.44 -7.07
C LYS A 27 -4.32 12.43 -5.56
N GLY A 28 -3.63 13.41 -4.99
CA GLY A 28 -3.48 13.53 -3.55
C GLY A 28 -2.05 13.67 -3.11
N ASN A 29 -1.84 14.26 -1.91
CA ASN A 29 -0.53 14.53 -1.33
C ASN A 29 0.35 15.34 -2.28
N PHE A 30 -0.23 16.47 -2.77
CA PHE A 30 0.41 17.47 -3.65
C PHE A 30 0.85 16.94 -5.04
N GLY A 31 0.44 15.72 -5.39
CA GLY A 31 0.80 15.12 -6.67
C GLY A 31 -0.34 14.45 -7.39
N SER A 32 -0.07 13.96 -8.61
CA SER A 32 -1.07 13.23 -9.38
C SER A 32 -0.37 12.16 -10.20
N VAL A 33 -1.07 11.08 -10.49
CA VAL A 33 -0.59 9.99 -11.36
C VAL A 33 -1.49 9.98 -12.60
N GLU A 34 -0.89 10.08 -13.79
CA GLU A 34 -1.60 10.07 -15.06
C GLU A 34 -1.26 8.85 -15.91
N LEU A 35 -2.23 8.42 -16.69
CA LEU A 35 -2.03 7.37 -17.67
C LEU A 35 -1.55 8.09 -18.93
N CYS A 36 -0.37 7.75 -19.41
CA CYS A 36 0.21 8.35 -20.62
C CYS A 36 0.58 7.26 -21.58
N ARG A 37 0.71 7.62 -22.86
CA ARG A 37 1.30 6.73 -23.84
C ARG A 37 2.71 7.26 -24.12
N TYR A 38 3.75 6.40 -24.02
CA TYR A 38 5.09 6.84 -24.40
C TYR A 38 5.18 6.52 -25.88
N ASP A 39 4.98 7.56 -26.70
CA ASP A 39 4.80 7.41 -28.15
C ASP A 39 5.84 8.17 -28.96
N PRO A 40 7.13 7.73 -28.95
CA PRO A 40 8.15 8.44 -29.72
C PRO A 40 7.91 8.47 -31.22
N LEU A 41 7.15 7.48 -31.75
CA LEU A 41 6.83 7.47 -33.18
C LEU A 41 5.69 8.40 -33.53
N GLY A 42 4.88 8.78 -32.54
CA GLY A 42 3.74 9.69 -32.68
C GLY A 42 2.59 9.09 -33.47
N ASP A 43 2.51 7.75 -33.53
CA ASP A 43 1.47 7.06 -34.31
C ASP A 43 0.47 6.25 -33.46
N ASN A 44 0.44 6.51 -32.13
CA ASN A 44 -0.45 5.86 -31.15
C ASN A 44 -0.13 4.38 -30.95
N THR A 45 1.06 3.94 -31.33
CA THR A 45 1.41 2.52 -31.13
C THR A 45 2.28 2.27 -29.91
N GLY A 46 2.77 3.34 -29.28
CA GLY A 46 3.62 3.21 -28.09
C GLY A 46 2.96 2.56 -26.88
N ALA A 47 3.79 2.18 -25.87
CA ALA A 47 3.35 1.57 -24.62
C ALA A 47 2.74 2.58 -23.65
N LEU A 48 1.75 2.12 -22.90
CA LEU A 48 1.11 2.88 -21.83
C LEU A 48 2.01 2.81 -20.60
N VAL A 49 2.14 3.95 -19.89
CA VAL A 49 2.94 4.09 -18.67
C VAL A 49 2.14 4.93 -17.63
N ALA A 50 2.46 4.76 -16.33
CA ALA A 50 1.83 5.53 -15.24
C ALA A 50 2.87 6.58 -14.85
N VAL A 51 2.48 7.87 -14.92
CA VAL A 51 3.44 8.95 -14.75
C VAL A 51 3.03 9.82 -13.60
N LYS A 52 3.91 9.92 -12.61
CA LYS A 52 3.58 10.74 -11.44
C LYS A 52 4.32 12.07 -11.51
N GLN A 53 3.63 13.14 -11.15
CA GLN A 53 4.25 14.48 -11.12
C GLN A 53 3.76 15.23 -9.90
N LEU A 54 4.51 16.26 -9.48
CA LEU A 54 4.14 17.16 -8.38
C LEU A 54 3.33 18.29 -9.02
N GLN A 55 2.25 18.72 -8.36
CA GLN A 55 1.38 19.80 -8.87
C GLN A 55 1.71 21.18 -8.28
N GLY A 58 5.87 23.30 -3.34
CA GLY A 58 6.80 23.79 -2.35
C GLY A 58 8.19 23.16 -2.39
N PRO A 59 9.22 23.79 -1.78
CA PRO A 59 10.58 23.21 -1.79
C PRO A 59 10.73 21.89 -1.02
N ASP A 60 9.86 21.66 -0.02
CA ASP A 60 9.84 20.45 0.81
C ASP A 60 9.26 19.29 -0.01
N GLN A 61 8.17 19.58 -0.78
CA GLN A 61 7.49 18.63 -1.65
C GLN A 61 8.43 18.14 -2.74
N GLN A 62 9.30 19.03 -3.26
CA GLN A 62 10.30 18.68 -4.28
C GLN A 62 11.30 17.67 -3.71
N ARG A 63 11.76 17.90 -2.45
CA ARG A 63 12.66 16.98 -1.75
C ARG A 63 11.95 15.62 -1.52
N ASP A 64 10.67 15.65 -1.09
CA ASP A 64 9.87 14.43 -0.85
C ASP A 64 9.67 13.63 -2.15
N PHE A 65 9.38 14.35 -3.25
CA PHE A 65 9.19 13.67 -4.54
C PHE A 65 10.49 13.02 -5.02
N GLN A 66 11.65 13.73 -4.89
CA GLN A 66 12.97 13.22 -5.25
C GLN A 66 13.30 11.97 -4.41
N ARG A 67 12.92 11.98 -3.12
CA ARG A 67 13.13 10.83 -2.23
C ARG A 67 12.31 9.62 -2.74
N GLU A 68 11.02 9.83 -3.12
CA GLU A 68 10.16 8.75 -3.62
C GLU A 68 10.82 8.09 -4.84
N ILE A 69 11.31 8.92 -5.79
CA ILE A 69 11.99 8.42 -6.99
C ILE A 69 13.23 7.57 -6.61
N GLN A 70 14.08 8.07 -5.72
CA GLN A 70 15.29 7.34 -5.30
C GLN A 70 14.96 6.01 -4.59
N ILE A 71 13.87 5.99 -3.82
CA ILE A 71 13.40 4.78 -3.17
C ILE A 71 12.94 3.77 -4.22
N LEU A 72 11.95 4.15 -5.05
CA LEU A 72 11.41 3.21 -6.02
C LEU A 72 12.44 2.65 -7.04
N LYS A 73 13.39 3.49 -7.48
CA LYS A 73 14.44 3.12 -8.43
C LYS A 73 15.33 2.00 -7.86
N ALA A 74 15.51 1.99 -6.55
CA ALA A 74 16.39 1.00 -5.89
C ALA A 74 15.62 -0.25 -5.42
N LEU A 75 14.32 -0.37 -5.77
CA LEU A 75 13.55 -1.55 -5.39
C LEU A 75 13.36 -2.44 -6.60
N HIS A 76 13.72 -3.73 -6.46
CA HIS A 76 13.66 -4.73 -7.54
C HIS A 76 12.99 -6.01 -7.02
N SER A 77 11.67 -6.12 -7.23
CA SER A 77 10.89 -7.25 -6.75
C SER A 77 9.70 -7.47 -7.64
N ASP A 78 9.32 -8.74 -7.81
CA ASP A 78 8.11 -9.08 -8.53
C ASP A 78 6.85 -8.55 -7.83
N PHE A 79 6.95 -8.17 -6.52
CA PHE A 79 5.79 -7.74 -5.72
C PHE A 79 5.83 -6.24 -5.42
N ILE A 80 6.70 -5.48 -6.15
CA ILE A 80 6.78 -4.00 -6.01
C ILE A 80 6.63 -3.42 -7.42
N VAL A 81 5.72 -2.43 -7.58
CA VAL A 81 5.51 -1.76 -8.89
C VAL A 81 6.88 -1.35 -9.48
N LYS A 82 7.08 -1.64 -10.77
CA LYS A 82 8.34 -1.33 -11.39
C LYS A 82 8.55 0.13 -11.76
N TYR A 83 9.70 0.65 -11.36
CA TYR A 83 10.21 1.95 -11.78
C TYR A 83 10.64 1.79 -13.26
N ARG A 84 10.23 2.69 -14.16
CA ARG A 84 10.72 2.65 -15.56
C ARG A 84 11.75 3.75 -15.85
N GLY A 85 11.58 4.89 -15.23
CA GLY A 85 12.51 5.99 -15.47
C GLY A 85 11.98 7.32 -15.02
N VAL A 86 12.65 8.40 -15.48
CA VAL A 86 12.21 9.75 -15.19
C VAL A 86 12.15 10.53 -16.47
N SER A 87 11.34 11.60 -16.46
CA SER A 87 11.33 12.53 -17.57
C SER A 87 11.83 13.83 -16.91
N TYR A 88 12.77 14.56 -17.53
CA TYR A 88 13.27 15.82 -16.96
C TYR A 88 12.58 17.07 -17.52
N LEU A 95 11.67 15.85 -13.10
CA LEU A 95 10.34 16.38 -13.39
C LEU A 95 9.22 15.32 -13.19
N ARG A 96 9.26 14.15 -13.86
CA ARG A 96 8.18 13.14 -13.65
C ARG A 96 8.75 11.75 -13.43
N LEU A 97 8.04 10.94 -12.66
CA LEU A 97 8.39 9.58 -12.34
C LEU A 97 7.56 8.66 -13.26
N VAL A 98 8.27 7.82 -14.03
CA VAL A 98 7.62 6.92 -14.97
C VAL A 98 7.65 5.51 -14.39
N MET A 99 6.46 4.89 -14.28
CA MET A 99 6.30 3.55 -13.69
C MET A 99 5.52 2.70 -14.69
N GLU A 100 5.57 1.37 -14.54
CA GLU A 100 4.76 0.50 -15.39
C GLU A 100 3.28 0.75 -15.07
N TYR A 101 2.44 0.62 -16.09
CA TYR A 101 0.99 0.76 -15.96
C TYR A 101 0.39 -0.64 -15.86
N LEU A 102 -0.45 -0.85 -14.86
CA LEU A 102 -1.13 -2.15 -14.61
C LEU A 102 -2.62 -1.89 -14.91
N PRO A 103 -3.08 -2.25 -16.13
CA PRO A 103 -4.48 -1.91 -16.52
C PRO A 103 -5.57 -2.50 -15.63
N SER A 104 -5.31 -3.61 -14.89
CA SER A 104 -6.31 -4.14 -13.97
C SER A 104 -6.54 -3.19 -12.76
N GLY A 105 -5.65 -2.23 -12.56
CA GLY A 105 -5.78 -1.24 -11.50
C GLY A 105 -5.60 -1.75 -10.10
N CYS A 106 -6.09 -0.97 -9.11
CA CYS A 106 -5.85 -1.36 -7.73
C CYS A 106 -6.69 -2.52 -7.26
N LEU A 107 -6.15 -3.22 -6.26
CA LEU A 107 -6.78 -4.38 -5.65
C LEU A 107 -8.16 -4.04 -5.03
N ARG A 108 -8.31 -2.85 -4.45
CA ARG A 108 -9.58 -2.42 -3.84
C ARG A 108 -10.77 -2.52 -4.82
N ASP A 109 -10.58 -1.97 -6.02
CA ASP A 109 -11.64 -2.00 -7.04
C ASP A 109 -11.73 -3.37 -7.71
N PHE A 110 -10.59 -4.05 -7.90
CA PHE A 110 -10.55 -5.38 -8.51
C PHE A 110 -11.34 -6.38 -7.66
N LEU A 111 -11.17 -6.32 -6.32
CA LEU A 111 -11.91 -7.24 -5.45
C LEU A 111 -13.43 -6.99 -5.52
N GLN A 112 -13.84 -5.71 -5.60
CA GLN A 112 -15.27 -5.38 -5.68
C GLN A 112 -15.90 -5.91 -6.96
N ARG A 113 -15.19 -5.81 -8.10
CA ARG A 113 -15.66 -6.26 -9.43
C ARG A 113 -15.66 -7.78 -9.59
N HIS A 114 -14.67 -8.47 -8.99
CA HIS A 114 -14.53 -9.90 -9.24
C HIS A 114 -14.79 -10.78 -8.05
N ARG A 115 -15.46 -10.25 -7.02
CA ARG A 115 -15.69 -11.00 -5.77
C ARG A 115 -16.28 -12.41 -5.99
N ALA A 116 -17.27 -12.54 -6.90
CA ALA A 116 -17.92 -13.84 -7.16
C ALA A 116 -17.03 -14.89 -7.82
N ARG A 117 -15.82 -14.50 -8.27
CA ARG A 117 -14.89 -15.39 -8.96
C ARG A 117 -13.62 -15.70 -8.12
N LEU A 118 -13.38 -14.93 -7.06
CA LEU A 118 -12.19 -15.07 -6.24
C LEU A 118 -12.51 -15.79 -4.93
N ASP A 119 -11.90 -16.94 -4.70
CA ASP A 119 -12.15 -17.70 -3.47
C ASP A 119 -11.08 -17.44 -2.40
N ALA A 120 -11.24 -18.05 -1.21
CA ALA A 120 -10.32 -17.86 -0.08
C ALA A 120 -8.87 -18.14 -0.45
N SER A 121 -8.61 -19.18 -1.28
CA SER A 121 -7.26 -19.53 -1.67
C SER A 121 -6.61 -18.37 -2.45
N ARG A 122 -7.36 -17.74 -3.36
CA ARG A 122 -6.85 -16.62 -4.14
C ARG A 122 -6.54 -15.41 -3.20
N LEU A 123 -7.40 -15.15 -2.23
CA LEU A 123 -7.14 -14.04 -1.27
C LEU A 123 -5.88 -14.33 -0.46
N LEU A 124 -5.66 -15.61 -0.09
CA LEU A 124 -4.46 -16.01 0.64
C LEU A 124 -3.22 -15.87 -0.27
N LEU A 125 -3.38 -16.13 -1.58
CA LEU A 125 -2.29 -15.94 -2.54
C LEU A 125 -1.89 -14.46 -2.57
N TYR A 126 -2.88 -13.54 -2.67
CA TYR A 126 -2.57 -12.10 -2.67
C TYR A 126 -1.91 -11.69 -1.37
N SER A 127 -2.44 -12.20 -0.23
CA SER A 127 -1.92 -11.88 1.10
C SER A 127 -0.46 -12.27 1.19
N SER A 128 -0.11 -13.46 0.66
CA SER A 128 1.27 -13.99 0.69
C SER A 128 2.22 -13.12 -0.17
N GLN A 129 1.73 -12.66 -1.33
CA GLN A 129 2.49 -11.81 -2.24
C GLN A 129 2.74 -10.45 -1.63
N ILE A 130 1.74 -9.85 -0.98
CA ILE A 130 1.90 -8.55 -0.31
C ILE A 130 2.89 -8.71 0.84
N CYS A 131 2.77 -9.83 1.59
CA CYS A 131 3.68 -10.11 2.71
C CYS A 131 5.14 -10.20 2.20
N LYS A 132 5.36 -10.92 1.09
CA LYS A 132 6.70 -11.06 0.50
C LYS A 132 7.25 -9.70 0.05
N GLY A 133 6.40 -8.86 -0.55
CA GLY A 133 6.81 -7.51 -0.94
C GLY A 133 7.23 -6.70 0.27
N MET A 134 6.48 -6.85 1.39
CA MET A 134 6.74 -6.12 2.63
C MET A 134 7.98 -6.59 3.36
N GLU A 135 8.22 -7.90 3.32
CA GLU A 135 9.45 -8.47 3.91
C GLU A 135 10.64 -7.87 3.15
N TYR A 136 10.54 -7.79 1.81
CA TYR A 136 11.59 -7.19 1.01
C TYR A 136 11.76 -5.69 1.33
N LEU A 137 10.65 -4.92 1.43
CA LEU A 137 10.78 -3.52 1.78
C LEU A 137 11.48 -3.34 3.10
N GLY A 138 11.12 -4.17 4.09
CA GLY A 138 11.71 -4.08 5.42
C GLY A 138 13.21 -4.37 5.37
N SER A 139 13.62 -5.29 4.48
CA SER A 139 15.05 -5.62 4.32
C SER A 139 15.82 -4.42 3.73
N ARG A 140 15.09 -3.49 3.06
CA ARG A 140 15.71 -2.30 2.45
C ARG A 140 15.62 -1.11 3.40
N ARG A 141 15.14 -1.38 4.64
CA ARG A 141 14.94 -0.39 5.68
C ARG A 141 13.85 0.62 5.28
N CYS A 142 12.94 0.21 4.39
CA CYS A 142 11.89 1.09 3.91
C CYS A 142 10.61 0.89 4.68
N VAL A 143 10.05 1.98 5.23
CA VAL A 143 8.74 1.99 5.90
C VAL A 143 7.77 2.57 4.84
N HIS A 144 6.75 1.80 4.44
CA HIS A 144 5.84 2.24 3.38
C HIS A 144 4.92 3.38 3.85
N ARG A 145 4.28 3.21 5.04
CA ARG A 145 3.42 4.19 5.72
C ARG A 145 2.02 4.36 5.06
N ASP A 146 1.76 3.74 3.92
CA ASP A 146 0.44 3.92 3.27
C ASP A 146 -0.05 2.59 2.66
N LEU A 147 0.19 1.47 3.35
CA LEU A 147 -0.23 0.18 2.85
C LEU A 147 -1.77 0.08 3.05
N ALA A 148 -2.49 -0.10 1.96
CA ALA A 148 -3.96 -0.18 1.89
C ALA A 148 -4.28 -0.81 0.55
N ALA A 149 -5.47 -1.49 0.43
CA ALA A 149 -5.81 -2.14 -0.84
C ALA A 149 -5.86 -1.18 -2.03
N ARG A 150 -6.14 0.11 -1.78
CA ARG A 150 -6.17 1.12 -2.85
CA ARG A 150 -6.18 1.10 -2.88
C ARG A 150 -4.76 1.31 -3.45
N ASN A 151 -3.73 0.98 -2.65
CA ASN A 151 -2.32 1.15 -3.08
C ASN A 151 -1.63 -0.15 -3.49
N ILE A 152 -2.42 -1.21 -3.67
CA ILE A 152 -1.89 -2.48 -4.16
C ILE A 152 -2.44 -2.63 -5.57
N LEU A 153 -1.59 -2.95 -6.55
CA LEU A 153 -2.00 -3.06 -7.95
C LEU A 153 -2.10 -4.51 -8.38
N VAL A 154 -2.99 -4.79 -9.34
CA VAL A 154 -3.18 -6.14 -9.85
C VAL A 154 -2.44 -6.26 -11.19
N GLU A 155 -1.45 -7.14 -11.22
CA GLU A 155 -0.66 -7.44 -12.43
C GLU A 155 -1.44 -8.45 -13.28
N SER A 156 -2.07 -9.42 -12.62
CA SER A 156 -2.89 -10.45 -13.26
C SER A 156 -3.79 -11.08 -12.19
N GLU A 157 -4.70 -11.97 -12.60
CA GLU A 157 -5.62 -12.72 -11.74
C GLU A 157 -4.89 -13.35 -10.54
N ALA A 158 -3.61 -13.71 -10.71
CA ALA A 158 -2.84 -14.40 -9.67
C ALA A 158 -1.55 -13.66 -9.27
N HIS A 159 -1.53 -12.32 -9.40
CA HIS A 159 -0.31 -11.57 -9.11
C HIS A 159 -0.61 -10.12 -8.76
N VAL A 160 -0.25 -9.72 -7.51
CA VAL A 160 -0.40 -8.33 -7.03
C VAL A 160 0.96 -7.71 -6.74
N LYS A 161 0.99 -6.35 -6.72
CA LYS A 161 2.24 -5.62 -6.46
C LYS A 161 1.94 -4.42 -5.55
N ILE A 162 2.87 -4.10 -4.65
CA ILE A 162 2.71 -2.89 -3.79
C ILE A 162 3.10 -1.65 -4.60
N ALA A 163 2.28 -0.59 -4.50
CA ALA A 163 2.55 0.67 -5.18
C ALA A 163 2.42 1.85 -4.20
N ASP A 164 2.55 3.09 -4.73
CA ASP A 164 2.42 4.37 -4.02
C ASP A 164 3.38 4.52 -2.88
N PHE A 165 4.62 4.89 -3.21
CA PHE A 165 5.71 5.10 -2.27
C PHE A 165 5.81 6.60 -1.91
N GLY A 166 4.71 7.34 -2.11
CA GLY A 166 4.67 8.78 -1.86
C GLY A 166 4.92 9.20 -0.41
N LEU A 167 4.69 8.30 0.56
CA LEU A 167 4.90 8.58 2.00
C LEU A 167 6.04 7.70 2.57
N ALA A 168 6.65 6.88 1.72
CA ALA A 168 7.71 5.96 2.17
C ALA A 168 8.93 6.70 2.75
N LYS A 169 9.56 6.10 3.77
CA LYS A 169 10.75 6.66 4.43
C LYS A 169 11.79 5.57 4.59
N LEU A 170 13.08 5.96 4.54
CA LEU A 170 14.17 5.01 4.76
C LEU A 170 14.63 5.18 6.20
N LEU A 171 14.73 4.07 6.95
CA LEU A 171 15.17 4.15 8.35
C LEU A 171 16.68 4.34 8.36
N PRO A 172 17.21 5.29 9.19
CA PRO A 172 18.68 5.39 9.36
C PRO A 172 19.22 4.05 9.91
N LEU A 173 20.51 3.79 9.73
CA LEU A 173 21.09 2.50 10.17
C LEU A 173 21.03 2.23 11.68
N ASP A 174 20.97 3.30 12.50
CA ASP A 174 21.00 3.17 13.95
C ASP A 174 19.66 3.35 14.67
N LYS A 175 18.52 3.41 13.93
CA LYS A 175 17.20 3.64 14.51
C LYS A 175 16.21 2.76 13.77
N ASP A 176 15.26 2.09 14.48
CA ASP A 176 14.27 1.23 13.82
C ASP A 176 12.88 1.87 13.66
N TYR A 177 12.78 3.17 13.91
CA TYR A 177 11.51 3.88 13.79
C TYR A 177 11.77 5.28 13.27
N TYR A 178 10.69 6.01 12.94
CA TYR A 178 10.73 7.38 12.44
C TYR A 178 9.59 8.16 13.09
N VAL A 179 9.85 9.40 13.56
CA VAL A 179 8.85 10.28 14.16
C VAL A 179 8.57 11.46 13.20
N VAL A 180 7.28 11.70 12.90
CA VAL A 180 6.82 12.80 12.01
C VAL A 180 6.39 13.98 12.93
N ARG A 181 6.63 15.23 12.48
CA ARG A 181 6.30 16.42 13.26
C ARG A 181 4.79 16.69 13.33
N GLU A 182 4.11 16.67 12.17
CA GLU A 182 2.67 16.93 12.06
C GLU A 182 1.87 15.64 11.89
N PRO A 183 0.60 15.54 12.41
CA PRO A 183 -0.19 14.32 12.19
C PRO A 183 -0.40 14.01 10.71
N GLY A 184 -0.61 12.73 10.41
CA GLY A 184 -0.80 12.25 9.05
C GLY A 184 -2.02 12.78 8.36
N GLN A 185 -2.02 12.74 7.03
CA GLN A 185 -3.13 13.19 6.21
C GLN A 185 -3.89 12.04 5.53
N SER A 186 -3.54 10.79 5.87
CA SER A 186 -4.21 9.63 5.25
C SER A 186 -5.45 9.23 6.03
N PRO A 187 -6.47 8.55 5.43
CA PRO A 187 -7.61 8.07 6.24
C PRO A 187 -7.07 7.31 7.45
N ILE A 188 -7.51 7.71 8.66
CA ILE A 188 -6.97 7.27 9.94
C ILE A 188 -7.13 5.78 10.27
N PHE A 189 -7.97 5.06 9.52
CA PHE A 189 -8.37 3.69 9.85
C PHE A 189 -7.32 2.62 9.57
N TRP A 190 -6.19 3.02 8.96
CA TRP A 190 -5.10 2.08 8.70
C TRP A 190 -3.91 2.32 9.66
N TYR A 191 -3.94 3.45 10.43
CA TYR A 191 -2.83 3.80 11.34
C TYR A 191 -2.76 2.95 12.60
N ALA A 192 -1.52 2.59 12.99
CA ALA A 192 -1.24 1.89 14.22
C ALA A 192 -1.50 2.86 15.40
N PRO A 193 -1.82 2.37 16.63
CA PRO A 193 -2.06 3.28 17.77
C PRO A 193 -0.90 4.24 18.03
N GLU A 194 0.37 3.76 17.92
CA GLU A 194 1.54 4.60 18.18
C GLU A 194 1.69 5.69 17.12
N SER A 195 1.13 5.48 15.92
CA SER A 195 1.16 6.51 14.90
C SER A 195 0.07 7.53 15.21
N LEU A 196 -1.11 7.05 15.65
CA LEU A 196 -2.23 7.93 16.02
C LEU A 196 -1.83 8.82 17.23
N SER A 197 -1.21 8.21 18.24
CA SER A 197 -0.84 8.93 19.46
C SER A 197 0.42 9.75 19.37
N ASP A 198 1.51 9.21 18.79
CA ASP A 198 2.80 9.90 18.80
C ASP A 198 3.48 10.12 17.45
N ASN A 199 2.80 9.79 16.33
CA ASN A 199 3.33 9.93 14.98
C ASN A 199 4.61 9.10 14.78
N ILE A 200 4.69 7.95 15.47
CA ILE A 200 5.80 7.02 15.33
C ILE A 200 5.42 6.05 14.22
N PHE A 201 6.35 5.83 13.28
CA PHE A 201 6.20 4.87 12.17
C PHE A 201 7.40 3.94 12.15
N SER A 202 7.17 2.67 11.82
CA SER A 202 8.22 1.64 11.79
C SER A 202 7.78 0.48 10.89
N ARG A 203 8.63 -0.55 10.75
CA ARG A 203 8.20 -1.71 9.97
C ARG A 203 7.03 -2.40 10.72
N GLN A 204 6.93 -2.16 12.06
CA GLN A 204 5.89 -2.74 12.89
C GLN A 204 4.57 -2.00 12.75
N SER A 205 4.60 -0.71 12.41
CA SER A 205 3.33 -0.02 12.13
C SER A 205 2.84 -0.44 10.72
N ASP A 206 3.78 -0.83 9.81
CA ASP A 206 3.38 -1.39 8.50
C ASP A 206 2.71 -2.75 8.73
N VAL A 207 3.18 -3.54 9.73
CA VAL A 207 2.50 -4.81 10.10
C VAL A 207 1.05 -4.55 10.55
N TRP A 208 0.83 -3.50 11.37
CA TRP A 208 -0.53 -3.14 11.79
C TRP A 208 -1.39 -2.91 10.51
N SER A 209 -0.89 -2.03 9.61
CA SER A 209 -1.60 -1.68 8.35
C SER A 209 -1.86 -2.93 7.53
N PHE A 210 -0.90 -3.87 7.52
CA PHE A 210 -1.08 -5.14 6.81
C PHE A 210 -2.28 -5.93 7.37
N GLY A 211 -2.51 -5.87 8.70
CA GLY A 211 -3.68 -6.51 9.29
C GLY A 211 -4.96 -5.92 8.74
N VAL A 212 -4.97 -4.60 8.51
CA VAL A 212 -6.14 -3.92 7.92
C VAL A 212 -6.27 -4.34 6.44
N VAL A 213 -5.13 -4.53 5.71
CA VAL A 213 -5.19 -5.00 4.32
C VAL A 213 -5.79 -6.44 4.28
N LEU A 214 -5.39 -7.31 5.22
CA LEU A 214 -5.96 -8.67 5.30
C LEU A 214 -7.50 -8.53 5.50
N TYR A 215 -7.91 -7.62 6.39
CA TYR A 215 -9.33 -7.32 6.60
C TYR A 215 -9.98 -6.90 5.26
N GLU A 216 -9.35 -5.96 4.54
CA GLU A 216 -9.89 -5.50 3.24
C GLU A 216 -10.03 -6.65 2.27
N LEU A 217 -9.01 -7.52 2.18
CA LEU A 217 -9.05 -8.66 1.24
C LEU A 217 -10.25 -9.58 1.57
N PHE A 218 -10.40 -9.91 2.86
CA PHE A 218 -11.41 -10.88 3.26
C PHE A 218 -12.84 -10.31 3.32
N THR A 219 -13.01 -8.97 3.16
CA THR A 219 -14.32 -8.33 2.99
C THR A 219 -14.52 -8.04 1.48
N TYR A 220 -13.55 -8.41 0.61
CA TYR A 220 -13.54 -8.05 -0.82
C TYR A 220 -13.71 -6.55 -1.01
N CYS A 221 -13.17 -5.75 -0.05
CA CYS A 221 -13.27 -4.27 -0.09
C CYS A 221 -14.71 -3.76 -0.21
N ASP A 222 -15.67 -4.53 0.38
CA ASP A 222 -17.08 -4.12 0.39
C ASP A 222 -17.16 -2.79 1.15
N LYS A 223 -17.75 -1.77 0.52
CA LYS A 223 -17.83 -0.44 1.18
C LYS A 223 -18.65 -0.46 2.49
N SER A 224 -19.68 -1.32 2.56
CA SER A 224 -20.54 -1.34 3.74
C SER A 224 -19.86 -1.85 5.02
N CYS A 225 -18.77 -2.64 4.91
CA CYS A 225 -18.07 -3.08 6.12
C CYS A 225 -16.59 -2.69 6.01
N SER A 226 -16.33 -1.60 5.31
CA SER A 226 -14.96 -1.13 5.09
C SER A 226 -14.36 -0.65 6.43
N PRO A 227 -13.01 -0.52 6.53
CA PRO A 227 -12.45 -0.03 7.80
C PRO A 227 -13.06 1.30 8.23
N SER A 228 -13.31 2.25 7.29
CA SER A 228 -13.96 3.50 7.70
C SER A 228 -15.40 3.29 8.17
N ALA A 229 -16.24 2.60 7.39
CA ALA A 229 -17.66 2.39 7.71
C ALA A 229 -17.83 1.63 9.03
N GLU A 230 -17.02 0.58 9.23
CA GLU A 230 -17.15 -0.22 10.43
C GLU A 230 -16.57 0.44 11.65
N PHE A 231 -15.38 1.04 11.55
CA PHE A 231 -14.85 1.72 12.73
C PHE A 231 -15.78 2.91 13.13
N LEU A 232 -16.28 3.69 12.14
CA LEU A 232 -17.18 4.83 12.45
C LEU A 232 -18.45 4.32 13.12
N ARG A 233 -18.95 3.15 12.70
CA ARG A 233 -20.14 2.58 13.32
C ARG A 233 -19.85 2.17 14.78
N MET A 234 -18.65 1.59 15.01
CA MET A 234 -18.19 1.18 16.35
C MET A 234 -17.92 2.34 17.31
N MET A 235 -17.49 3.49 16.76
CA MET A 235 -17.10 4.69 17.51
C MET A 235 -18.27 5.40 18.15
N ALA A 243 -12.67 12.48 16.68
CA ALA A 243 -12.73 11.20 15.97
C ALA A 243 -11.43 10.42 16.07
N LEU A 244 -10.28 11.12 15.92
CA LEU A 244 -8.96 10.51 16.02
C LEU A 244 -8.74 10.04 17.46
N SER A 245 -9.15 10.88 18.45
CA SER A 245 -9.11 10.58 19.88
C SER A 245 -10.08 9.42 20.18
N ARG A 246 -11.26 9.40 19.52
CA ARG A 246 -12.27 8.35 19.68
C ARG A 246 -11.74 7.01 19.17
N LEU A 247 -11.09 7.01 17.98
CA LEU A 247 -10.53 5.77 17.45
C LEU A 247 -9.40 5.27 18.35
N LEU A 248 -8.50 6.18 18.79
CA LEU A 248 -7.40 5.81 19.69
C LEU A 248 -7.95 5.17 20.97
N GLU A 249 -9.01 5.76 21.54
CA GLU A 249 -9.70 5.26 22.74
C GLU A 249 -10.24 3.83 22.53
N LEU A 250 -10.96 3.62 21.42
CA LEU A 250 -11.54 2.34 20.99
C LEU A 250 -10.41 1.26 20.91
N LEU A 251 -9.31 1.60 20.24
CA LEU A 251 -8.18 0.69 20.05
C LEU A 251 -7.47 0.36 21.37
N GLU A 252 -7.26 1.38 22.23
CA GLU A 252 -6.60 1.22 23.54
C GLU A 252 -7.42 0.33 24.49
N GLU A 253 -8.77 0.33 24.35
CA GLU A 253 -9.72 -0.50 25.10
C GLU A 253 -9.61 -1.96 24.65
N GLY A 254 -8.94 -2.17 23.51
CA GLY A 254 -8.77 -3.49 22.91
C GLY A 254 -9.81 -3.84 21.88
N GLN A 255 -10.71 -2.89 21.51
CA GLN A 255 -11.72 -3.13 20.47
C GLN A 255 -11.00 -3.18 19.11
N ARG A 256 -11.48 -4.04 18.23
CA ARG A 256 -10.90 -4.25 16.89
C ARG A 256 -12.01 -4.44 15.86
N LEU A 257 -11.63 -4.37 14.58
CA LEU A 257 -12.57 -4.65 13.51
C LEU A 257 -13.07 -6.12 13.65
N PRO A 258 -14.35 -6.38 13.36
CA PRO A 258 -14.86 -7.76 13.51
C PRO A 258 -14.37 -8.66 12.41
N ALA A 259 -14.37 -9.98 12.66
CA ALA A 259 -13.98 -10.93 11.62
C ALA A 259 -14.91 -10.69 10.42
N PRO A 260 -14.35 -10.56 9.20
CA PRO A 260 -15.20 -10.39 8.01
C PRO A 260 -16.23 -11.51 7.83
N PRO A 261 -17.38 -11.26 7.17
CA PRO A 261 -18.34 -12.36 6.93
C PRO A 261 -17.68 -13.56 6.23
N ALA A 262 -17.90 -14.77 6.79
CA ALA A 262 -17.37 -16.05 6.31
C ALA A 262 -15.83 -16.12 6.30
N CYS A 263 -15.15 -15.23 7.07
CA CYS A 263 -13.69 -15.25 7.15
C CYS A 263 -13.20 -16.57 7.81
N PRO A 264 -12.19 -17.26 7.23
CA PRO A 264 -11.65 -18.45 7.92
C PRO A 264 -11.03 -18.02 9.26
N ALA A 265 -11.34 -18.76 10.37
CA ALA A 265 -10.86 -18.41 11.71
C ALA A 265 -9.37 -18.15 11.82
N GLU A 266 -8.54 -18.95 11.15
CA GLU A 266 -7.07 -18.83 11.17
C GLU A 266 -6.61 -17.48 10.61
N VAL A 267 -7.33 -16.96 9.59
CA VAL A 267 -7.04 -15.65 8.96
C VAL A 267 -7.34 -14.50 9.94
N HIS A 268 -8.51 -14.54 10.57
CA HIS A 268 -8.89 -13.58 11.58
C HIS A 268 -7.88 -13.61 12.74
N GLU A 269 -7.41 -14.82 13.16
CA GLU A 269 -6.41 -14.90 14.23
C GLU A 269 -5.12 -14.14 13.82
N LEU A 270 -4.72 -14.26 12.56
CA LEU A 270 -3.53 -13.56 12.05
C LEU A 270 -3.73 -12.04 12.05
N MET A 271 -4.94 -11.55 11.68
CA MET A 271 -5.22 -10.11 11.74
C MET A 271 -5.03 -9.58 13.17
N LYS A 272 -5.59 -10.30 14.16
CA LYS A 272 -5.48 -9.89 15.57
C LYS A 272 -4.05 -9.81 16.07
N LEU A 273 -3.16 -10.68 15.54
CA LEU A 273 -1.74 -10.68 15.90
C LEU A 273 -1.07 -9.42 15.32
N CYS A 274 -1.44 -9.07 14.07
CA CYS A 274 -0.98 -7.83 13.41
C CYS A 274 -1.41 -6.62 14.21
N TRP A 275 -2.55 -6.71 14.90
CA TRP A 275 -3.11 -5.64 15.69
C TRP A 275 -2.74 -5.71 17.19
N ALA A 276 -1.59 -6.34 17.52
CA ALA A 276 -1.13 -6.36 18.91
C ALA A 276 -0.92 -4.91 19.38
N PRO A 277 -1.38 -4.55 20.60
CA PRO A 277 -1.24 -3.15 21.05
C PRO A 277 0.18 -2.60 20.96
N SER A 278 1.17 -3.40 21.38
CA SER A 278 2.57 -3.00 21.36
C SER A 278 3.25 -3.46 20.06
N PRO A 279 4.01 -2.53 19.40
CA PRO A 279 4.68 -2.90 18.12
C PRO A 279 5.64 -4.07 18.21
N GLN A 280 6.32 -4.22 19.37
CA GLN A 280 7.25 -5.33 19.58
C GLN A 280 6.55 -6.70 19.67
N ASP A 281 5.24 -6.70 19.98
CA ASP A 281 4.47 -7.95 20.07
C ASP A 281 3.84 -8.37 18.73
N ARG A 282 3.90 -7.51 17.70
CA ARG A 282 3.31 -7.87 16.40
C ARG A 282 4.23 -8.86 15.69
N PRO A 283 3.74 -9.83 14.88
CA PRO A 283 4.69 -10.71 14.17
C PRO A 283 5.42 -9.94 13.08
N SER A 284 6.57 -10.46 12.64
CA SER A 284 7.29 -9.78 11.58
C SER A 284 6.73 -10.30 10.27
N PHE A 285 6.97 -9.58 9.16
CA PHE A 285 6.55 -10.08 7.86
C PHE A 285 7.22 -11.44 7.54
N SER A 286 8.46 -11.64 8.03
CA SER A 286 9.15 -12.92 7.81
C SER A 286 8.44 -14.06 8.52
N ALA A 287 7.86 -13.79 9.71
CA ALA A 287 7.10 -14.79 10.48
C ALA A 287 5.70 -15.01 9.89
N LEU A 288 5.08 -13.96 9.34
CA LEU A 288 3.75 -14.05 8.73
C LEU A 288 3.73 -14.84 7.44
N GLY A 289 4.78 -14.68 6.62
CA GLY A 289 4.91 -15.30 5.30
C GLY A 289 4.64 -16.80 5.26
N PRO A 290 5.40 -17.62 6.03
CA PRO A 290 5.15 -19.08 6.03
C PRO A 290 3.77 -19.45 6.57
N GLN A 291 3.24 -18.66 7.53
CA GLN A 291 1.90 -18.85 8.11
C GLN A 291 0.81 -18.68 7.07
N LEU A 292 0.98 -17.69 6.15
CA LEU A 292 0.03 -17.48 5.07
C LEU A 292 0.16 -18.57 4.01
N ASP A 293 1.41 -18.95 3.67
CA ASP A 293 1.72 -20.00 2.70
C ASP A 293 1.15 -21.36 3.16
N MET A 294 1.18 -21.62 4.50
CA MET A 294 0.63 -22.84 5.10
C MET A 294 -0.89 -22.89 4.89
N LEU A 295 -1.59 -21.76 5.18
CA LEU A 295 -3.04 -21.66 4.99
C LEU A 295 -3.48 -21.76 3.53
N TRP A 296 -2.67 -21.26 2.58
CA TRP A 296 -2.92 -21.29 1.13
C TRP A 296 -2.94 -22.73 0.60
N SER A 297 -1.93 -23.54 0.99
CA SER A 297 -1.78 -24.94 0.59
C SER A 297 -2.69 -25.87 1.40
C4 HB4 B . -4.64 4.28 -8.27
C7 HB4 B . -2.14 2.99 -10.83
C6 HB4 B . -2.83 3.85 -9.83
C9 HB4 B . 0.45 3.47 -10.37
C20 HB4 B . -7.46 2.18 -7.12
C8 HB4 B . -0.72 2.93 -11.00
C18 HB4 B . -4.95 6.21 -6.93
C16 HB4 B . -5.95 4.09 -7.53
C1 HB4 B . -2.29 5.09 -9.47
C2 HB4 B . -2.90 5.90 -8.53
C3 HB4 B . -4.08 5.50 -7.93
C5 HB4 B . -4.03 3.45 -9.22
C10 HB4 B . 1.53 2.92 -11.00
N11 HB4 B . 1.10 2.07 -12.01
C12 HB4 B . -0.26 2.06 -12.01
N13 HB4 B . -1.06 1.30 -12.80
C14 HB4 B . -2.37 1.44 -12.52
N15 HB4 B . -2.94 2.23 -11.60
C17 HB4 B . -5.81 5.08 -6.35
N19 HB4 B . -6.21 2.71 -7.14
N21 HB4 B . -8.60 2.72 -7.39
S SO4 C . -9.80 7.06 -3.73
O1 SO4 C . -11.02 6.43 -4.25
O2 SO4 C . -9.47 6.55 -2.40
O3 SO4 C . -8.68 6.74 -4.61
O4 SO4 C . -10.00 8.49 -3.64
#